data_2QM9
#
_entry.id   2QM9
#
_cell.length_a   49.886
_cell.length_b   81.414
_cell.length_c   94.127
_cell.angle_alpha   90.00
_cell.angle_beta   90.00
_cell.angle_gamma   90.00
#
_symmetry.space_group_name_H-M   'P 21 21 21'
#
loop_
_entity.id
_entity.type
_entity.pdbx_description
1 polymer 'Fatty acid-binding protein, adipocyte'
2 non-polymer 'SULFATE ION'
3 non-polymer (5R)-5-(4-{[(2R)-6-HYDROXY-2,5,7,8-TETRAMETHYL-3,4-DIHYDRO-2H-CHROMEN-2-YL]METHOXY}BENZYL)-1,3-THIAZOLIDINE-2,4-DIONE
4 water water
#
_entity_poly.entity_id   1
_entity_poly.type   'polypeptide(L)'
_entity_poly.pdbx_seq_one_letter_code
;GSHMASMTGGNNMGRGSSSKVYKMCDAFVGTWKLVSSENFDDYMKEVGVGFATRKVAGMAKPNMIISVNGDLVTIRSEST
FKNTEISFKLGVEFDEITADDRKVKSIITLDGGALVQVQKWDGKSTTIKRKRDGDKLVVECVMKGVTSTRVYERA
;
_entity_poly.pdbx_strand_id   A,B
#
loop_
_chem_comp.id
_chem_comp.type
_chem_comp.name
_chem_comp.formula
SO4 non-polymer 'SULFATE ION' 'O4 S -2'
TDZ non-polymer (5R)-5-(4-{[(2R)-6-HYDROXY-2,5,7,8-TETRAMETHYL-3,4-DIHYDRO-2H-CHROMEN-2-YL]METHOXY}BENZYL)-1,3-THIAZOLIDINE-2,4-DIONE 'C24 H27 N O5 S'
#
# COMPACT_ATOMS: atom_id res chain seq x y z
N SER A 17 11.89 13.64 19.14
CA SER A 17 11.15 12.87 20.18
C SER A 17 9.69 13.37 20.33
N SER A 18 8.74 12.53 20.77
CA SER A 18 9.01 11.29 21.52
C SER A 18 9.55 10.11 20.71
N SER A 19 9.90 9.04 21.42
CA SER A 19 10.74 7.97 20.87
C SER A 19 10.39 6.62 21.51
N LYS A 20 10.92 5.46 21.08
CA LYS A 20 11.77 5.17 19.88
C LYS A 20 12.57 3.87 20.08
N VAL A 21 13.48 3.58 19.15
CA VAL A 21 14.50 2.56 19.35
C VAL A 21 15.84 3.17 18.94
N TYR A 22 16.56 2.51 18.02
CA TYR A 22 17.82 3.03 17.49
C TYR A 22 17.61 4.31 16.62
N LYS A 23 16.56 4.30 15.81
CA LYS A 23 16.25 5.48 14.98
C LYS A 23 15.17 6.34 15.66
N MET A 24 14.94 7.53 15.11
CA MET A 24 13.85 8.42 15.56
C MET A 24 12.50 7.84 15.11
N CYS A 25 12.50 7.24 13.92
CA CYS A 25 11.49 6.24 13.58
C CYS A 25 11.75 5.07 14.52
N ASP A 26 10.93 4.03 14.45
CA ASP A 26 10.97 2.93 15.44
C ASP A 26 10.22 3.31 16.72
N ALA A 27 10.06 4.61 16.99
CA ALA A 27 9.03 5.10 17.91
C ALA A 27 7.67 4.85 17.29
N PHE A 28 7.66 4.80 15.96
CA PHE A 28 6.44 4.65 15.19
C PHE A 28 6.24 3.21 14.69
N VAL A 29 7.33 2.44 14.61
CA VAL A 29 7.27 1.09 14.03
C VAL A 29 6.46 0.15 14.92
N GLY A 30 5.48 -0.50 14.30
CA GLY A 30 4.65 -1.50 14.95
C GLY A 30 3.23 -1.47 14.43
N THR A 31 2.38 -2.17 15.16
CA THR A 31 0.97 -2.27 14.85
C THR A 31 0.16 -1.49 15.90
N TRP A 32 -0.75 -0.66 15.41
CA TRP A 32 -1.55 0.22 16.25
C TRP A 32 -3.01 0.01 15.97
N LYS A 33 -3.83 0.07 17.02
CA LYS A 33 -5.27 -0.06 16.86
C LYS A 33 -5.96 1.18 17.37
N LEU A 34 -7.06 1.55 16.73
CA LEU A 34 -7.77 2.77 17.09
C LEU A 34 -8.50 2.58 18.42
N VAL A 35 -8.42 3.62 19.21
CA VAL A 35 -8.80 3.58 20.61
C VAL A 35 -9.82 4.70 20.88
N SER A 36 -9.67 5.84 20.21
CA SER A 36 -10.66 6.91 20.27
C SER A 36 -10.60 7.78 19.02
N SER A 37 -11.66 8.54 18.77
CA SER A 37 -11.72 9.41 17.59
C SER A 37 -12.52 10.64 17.92
N GLU A 38 -12.09 11.80 17.42
CA GLU A 38 -12.78 13.06 17.73
C GLU A 38 -12.79 13.99 16.52
N ASN A 39 -13.95 14.60 16.25
CA ASN A 39 -14.13 15.59 15.18
C ASN A 39 -13.74 15.06 13.78
N PHE A 40 -13.83 13.75 13.61
CA PHE A 40 -13.38 13.12 12.40
C PHE A 40 -14.42 13.31 11.28
N ASP A 41 -15.70 13.32 11.64
CA ASP A 41 -16.76 13.64 10.68
C ASP A 41 -16.54 15.04 10.11
N ASP A 42 -16.29 16.00 11.00
CA ASP A 42 -16.08 17.38 10.58
C ASP A 42 -14.85 17.50 9.69
N TYR A 43 -13.78 16.81 10.05
CA TYR A 43 -12.54 16.84 9.28
C TYR A 43 -12.80 16.34 7.87
N MET A 44 -13.51 15.23 7.78
CA MET A 44 -13.83 14.63 6.50
C MET A 44 -14.74 15.55 5.67
N LYS A 45 -15.60 16.30 6.35
CA LYS A 45 -16.52 17.23 5.68
C LYS A 45 -15.73 18.38 5.00
N GLU A 46 -14.61 18.79 5.61
CA GLU A 46 -13.82 19.91 5.10
C GLU A 46 -12.98 19.46 3.92
N VAL A 47 -12.68 18.17 3.92
CA VAL A 47 -11.86 17.58 2.91
C VAL A 47 -12.69 17.30 1.64
N GLY A 48 -14.01 17.16 1.81
CA GLY A 48 -14.91 16.94 0.68
C GLY A 48 -15.44 15.52 0.52
N VAL A 49 -15.22 14.68 1.52
CA VAL A 49 -15.76 13.31 1.52
C VAL A 49 -17.30 13.37 1.54
N GLY A 50 -17.95 12.51 0.75
CA GLY A 50 -19.40 12.56 0.59
C GLY A 50 -20.12 11.97 1.78
N PHE A 51 -21.39 12.31 1.95
CA PHE A 51 -22.13 11.97 3.17
C PHE A 51 -22.11 10.47 3.49
N ALA A 52 -22.54 9.66 2.53
CA ALA A 52 -22.58 8.21 2.69
C ALA A 52 -21.22 7.61 3.06
N THR A 53 -20.17 8.03 2.37
CA THR A 53 -18.82 7.50 2.60
C THR A 53 -18.31 7.84 4.01
N ARG A 54 -18.60 9.06 4.47
CA ARG A 54 -18.24 9.49 5.83
C ARG A 54 -18.85 8.60 6.93
N LYS A 55 -20.08 8.14 6.72
CA LYS A 55 -20.72 7.23 7.66
C LYS A 55 -19.92 5.93 7.79
N VAL A 56 -19.50 5.38 6.66
CA VAL A 56 -18.79 4.10 6.64
C VAL A 56 -17.38 4.28 7.20
N ALA A 57 -16.75 5.40 6.88
CA ALA A 57 -15.38 5.66 7.31
C ALA A 57 -15.32 5.96 8.80
N GLY A 58 -16.33 6.67 9.30
CA GLY A 58 -16.37 7.13 10.67
C GLY A 58 -16.60 6.03 11.69
N MET A 59 -17.15 4.90 11.26
CA MET A 59 -17.49 3.81 12.17
C MET A 59 -16.45 2.69 12.19
N ALA A 60 -15.35 2.86 11.46
CA ALA A 60 -14.47 1.73 11.11
C ALA A 60 -13.41 1.26 12.12
N LYS A 61 -12.91 2.13 12.99
CA LYS A 61 -11.77 1.78 13.88
C LYS A 61 -10.62 0.93 13.21
N PRO A 62 -9.79 1.57 12.38
CA PRO A 62 -8.71 0.87 11.67
C PRO A 62 -7.47 0.52 12.50
N ASN A 63 -6.72 -0.46 12.03
CA ASN A 63 -5.39 -0.75 12.54
C ASN A 63 -4.39 -0.04 11.62
N MET A 64 -3.32 0.50 12.20
CA MET A 64 -2.27 1.21 11.46
C MET A 64 -0.94 0.49 11.66
N ILE A 65 -0.32 0.08 10.57
CA ILE A 65 0.91 -0.70 10.64
C ILE A 65 2.02 0.09 9.98
N ILE A 66 2.99 0.49 10.78
CA ILE A 66 4.14 1.27 10.31
C ILE A 66 5.40 0.40 10.31
N SER A 67 6.17 0.48 9.23
CA SER A 67 7.39 -0.29 9.13
C SER A 67 8.44 0.47 8.32
N VAL A 68 9.69 0.03 8.45
CA VAL A 68 10.80 0.65 7.76
C VAL A 68 11.69 -0.46 7.21
N ASN A 69 12.15 -0.31 5.97
CA ASN A 69 13.16 -1.16 5.34
C ASN A 69 14.15 -0.22 4.61
N GLY A 70 15.31 0.01 5.23
CA GLY A 70 16.28 1.01 4.78
C GLY A 70 15.76 2.43 4.90
N ASP A 71 15.92 3.20 3.83
CA ASP A 71 15.36 4.55 3.74
C ASP A 71 13.84 4.55 3.43
N LEU A 72 13.27 3.38 3.13
CA LEU A 72 11.86 3.31 2.77
C LEU A 72 10.93 3.06 3.97
N VAL A 73 9.94 3.93 4.11
CA VAL A 73 8.98 3.85 5.20
C VAL A 73 7.65 3.46 4.57
N THR A 74 6.92 2.58 5.26
CA THR A 74 5.60 2.15 4.85
C THR A 74 4.60 2.32 6.00
N ILE A 75 3.48 2.96 5.70
CA ILE A 75 2.32 3.09 6.57
C ILE A 75 1.11 2.43 5.93
N ARG A 76 0.63 1.38 6.58
CA ARG A 76 -0.49 0.60 6.12
C ARG A 76 -1.64 0.95 7.04
N SER A 77 -2.84 1.06 6.48
CA SER A 77 -4.04 1.18 7.29
C SER A 77 -5.03 0.12 6.83
N GLU A 78 -5.68 -0.53 7.77
CA GLU A 78 -6.51 -1.69 7.46
C GLU A 78 -7.83 -1.66 8.21
N SER A 79 -8.93 -1.78 7.49
CA SER A 79 -10.26 -1.92 8.08
C SER A 79 -11.24 -2.44 7.04
N THR A 80 -12.50 -2.59 7.45
CA THR A 80 -13.58 -2.95 6.52
C THR A 80 -13.89 -1.84 5.51
N PHE A 81 -13.63 -0.59 5.89
CA PHE A 81 -13.80 0.54 4.97
C PHE A 81 -12.80 0.47 3.82
N LYS A 82 -11.51 0.50 4.12
CA LYS A 82 -10.49 0.29 3.09
C LYS A 82 -9.13 -0.15 3.62
N ASN A 83 -8.39 -0.88 2.79
CA ASN A 83 -6.99 -1.21 3.04
C ASN A 83 -6.13 -0.36 2.11
N THR A 84 -5.32 0.52 2.69
CA THR A 84 -4.35 1.32 1.93
C THR A 84 -2.94 1.10 2.43
N GLU A 85 -2.01 1.59 1.63
CA GLU A 85 -0.60 1.48 1.93
C GLU A 85 0.13 2.57 1.19
N ILE A 86 0.94 3.33 1.91
CA ILE A 86 1.88 4.27 1.28
C ILE A 86 3.30 3.85 1.57
N SER A 87 4.15 4.03 0.58
CA SER A 87 5.59 3.81 0.67
C SER A 87 6.26 5.08 0.20
N PHE A 88 7.30 5.50 0.90
CA PHE A 88 7.84 6.84 0.70
C PHE A 88 9.18 7.01 1.36
N LYS A 89 9.95 7.98 0.88
CA LYS A 89 11.13 8.42 1.61
C LYS A 89 10.82 9.74 2.26
N LEU A 90 11.34 9.92 3.45
CA LEU A 90 11.24 11.20 4.13
C LEU A 90 11.76 12.36 3.25
N GLY A 91 10.98 13.42 3.18
CA GLY A 91 11.46 14.62 2.52
C GLY A 91 11.42 14.54 1.00
N VAL A 92 10.79 13.51 0.47
CA VAL A 92 10.67 13.33 -0.98
C VAL A 92 9.21 13.23 -1.40
N GLU A 93 8.79 14.18 -2.22
CA GLU A 93 7.43 14.20 -2.74
C GLU A 93 7.03 12.91 -3.46
N PHE A 94 5.79 12.48 -3.25
CA PHE A 94 5.27 11.30 -3.94
C PHE A 94 3.77 11.42 -4.22
N ASP A 95 3.30 10.67 -5.20
CA ASP A 95 1.88 10.62 -5.57
C ASP A 95 1.15 9.61 -4.68
N GLU A 96 -0.09 9.94 -4.31
CA GLU A 96 -0.86 9.12 -3.41
C GLU A 96 -2.35 9.17 -3.77
N ILE A 97 -2.98 8.01 -3.88
CA ILE A 97 -4.45 7.91 -3.95
C ILE A 97 -4.96 7.62 -2.53
N THR A 98 -5.61 8.61 -1.92
CA THR A 98 -6.16 8.45 -0.56
C THR A 98 -7.32 7.46 -0.50
N ALA A 99 -7.71 7.13 0.72
CA ALA A 99 -8.80 6.18 0.99
C ALA A 99 -10.13 6.58 0.38
N ASP A 100 -10.33 7.89 0.23
CA ASP A 100 -11.55 8.49 -0.29
C ASP A 100 -11.39 8.98 -1.75
N ASP A 101 -10.32 8.50 -2.40
CA ASP A 101 -10.03 8.68 -3.84
C ASP A 101 -9.66 10.06 -4.36
N ARG A 102 -9.15 10.90 -3.47
CA ARG A 102 -8.34 12.03 -3.89
C ARG A 102 -6.98 11.53 -4.43
N LYS A 103 -6.53 12.13 -5.51
CA LYS A 103 -5.19 11.96 -6.02
C LYS A 103 -4.44 13.20 -5.59
N VAL A 104 -3.43 12.99 -4.74
CA VAL A 104 -2.70 14.06 -4.09
C VAL A 104 -1.17 13.91 -4.23
N LYS A 105 -0.49 15.02 -4.01
CA LYS A 105 0.95 15.05 -3.87
C LYS A 105 1.19 15.14 -2.37
N SER A 106 2.09 14.30 -1.87
CA SER A 106 2.32 14.16 -0.45
C SER A 106 3.79 14.26 -0.08
N ILE A 107 4.06 14.94 1.02
CA ILE A 107 5.41 15.03 1.58
C ILE A 107 5.39 14.80 3.10
N ILE A 108 6.27 13.91 3.57
CA ILE A 108 6.30 13.49 4.97
C ILE A 108 7.69 13.68 5.53
N THR A 109 7.78 14.34 6.68
CA THR A 109 9.06 14.68 7.29
C THR A 109 9.02 14.34 8.76
N LEU A 110 10.18 14.46 9.38
CA LEU A 110 10.36 14.22 10.79
C LEU A 110 10.69 15.55 11.40
N ASP A 111 9.76 16.08 12.18
CA ASP A 111 9.69 17.49 12.51
C ASP A 111 9.17 17.61 13.94
N GLY A 112 9.99 18.09 14.86
CA GLY A 112 9.72 18.06 16.28
C GLY A 112 9.50 16.65 16.81
N GLY A 113 10.12 15.65 16.18
CA GLY A 113 9.91 14.26 16.55
C GLY A 113 8.62 13.63 16.00
N ALA A 114 7.81 14.40 15.31
CA ALA A 114 6.57 13.88 14.73
C ALA A 114 6.78 13.54 13.28
N LEU A 115 6.00 12.61 12.76
CA LEU A 115 5.86 12.43 11.31
C LEU A 115 4.76 13.36 10.85
N VAL A 116 5.11 14.33 10.03
CA VAL A 116 4.20 15.34 9.55
C VAL A 116 4.04 15.10 8.06
N GLN A 117 2.81 14.84 7.64
CA GLN A 117 2.45 14.64 6.25
C GLN A 117 1.60 15.80 5.75
N VAL A 118 2.01 16.45 4.67
CA VAL A 118 1.16 17.44 3.99
C VAL A 118 0.62 16.85 2.68
N GLN A 119 -0.69 16.91 2.47
CA GLN A 119 -1.27 16.52 1.18
C GLN A 119 -1.81 17.72 0.43
N LYS A 120 -1.40 17.87 -0.82
CA LYS A 120 -1.84 18.95 -1.68
C LYS A 120 -2.58 18.37 -2.89
N TRP A 121 -3.71 18.99 -3.23
CA TRP A 121 -4.49 18.65 -4.43
C TRP A 121 -5.47 19.79 -4.73
N ASP A 122 -5.76 20.03 -6.01
CA ASP A 122 -6.68 21.09 -6.50
C ASP A 122 -6.59 22.45 -5.76
N GLY A 123 -5.37 22.92 -5.51
CA GLY A 123 -5.15 24.14 -4.73
C GLY A 123 -5.25 23.99 -3.20
N LYS A 124 -5.93 22.95 -2.74
CA LYS A 124 -6.16 22.71 -1.32
C LYS A 124 -4.98 21.99 -0.64
N SER A 125 -5.05 21.91 0.68
CA SER A 125 -4.03 21.22 1.43
C SER A 125 -4.53 20.81 2.80
N THR A 126 -4.02 19.67 3.27
CA THR A 126 -4.34 19.20 4.61
C THR A 126 -3.07 18.67 5.23
N THR A 127 -3.02 18.61 6.56
CA THR A 127 -1.83 18.16 7.27
C THR A 127 -2.18 17.09 8.29
N ILE A 128 -1.52 15.95 8.18
CA ILE A 128 -1.67 14.86 9.11
C ILE A 128 -0.38 14.76 9.90
N LYS A 129 -0.48 15.04 11.19
CA LYS A 129 0.65 14.93 12.10
C LYS A 129 0.48 13.65 12.93
N ARG A 130 1.48 12.78 12.91
CA ARG A 130 1.47 11.54 13.69
C ARG A 130 2.54 11.65 14.75
N LYS A 131 2.13 11.62 16.00
CA LYS A 131 3.05 11.89 17.11
C LYS A 131 2.94 10.88 18.23
N ARG A 132 4.00 10.77 19.02
CA ARG A 132 3.96 9.94 20.22
C ARG A 132 3.58 10.77 21.45
N ASP A 133 2.83 10.15 22.36
CA ASP A 133 2.38 10.79 23.59
C ASP A 133 2.17 9.67 24.60
N GLY A 134 3.16 9.46 25.45
CA GLY A 134 3.13 8.32 26.35
C GLY A 134 3.08 7.07 25.50
N ASP A 135 2.27 6.10 25.91
CA ASP A 135 2.11 4.84 25.19
C ASP A 135 1.20 4.94 23.95
N LYS A 136 0.78 6.16 23.57
CA LYS A 136 -0.14 6.36 22.45
C LYS A 136 0.55 6.92 21.22
N LEU A 137 0.05 6.52 20.04
CA LEU A 137 0.31 7.24 18.80
C LEU A 137 -0.90 8.12 18.51
N VAL A 138 -0.68 9.42 18.39
CA VAL A 138 -1.75 10.38 18.22
C VAL A 138 -1.65 11.00 16.84
N VAL A 139 -2.73 10.90 16.09
CA VAL A 139 -2.82 11.43 14.73
C VAL A 139 -3.73 12.67 14.74
N GLU A 140 -3.19 13.82 14.39
CA GLU A 140 -3.97 15.05 14.28
C GLU A 140 -4.05 15.46 12.82
N CYS A 141 -5.27 15.64 12.32
CA CYS A 141 -5.49 16.02 10.93
C CYS A 141 -6.13 17.39 10.86
N VAL A 142 -5.57 18.31 10.07
CA VAL A 142 -6.02 19.71 10.02
C VAL A 142 -6.35 20.18 8.59
N MET A 143 -7.50 20.81 8.43
CA MET A 143 -7.97 21.34 7.14
C MET A 143 -8.71 22.62 7.44
N LYS A 144 -8.16 23.75 7.01
CA LYS A 144 -8.78 25.07 7.21
C LYS A 144 -9.28 25.29 8.65
N GLY A 145 -8.45 24.94 9.62
CA GLY A 145 -8.76 25.21 11.02
C GLY A 145 -9.53 24.12 11.74
N VAL A 146 -10.23 23.27 10.98
CA VAL A 146 -10.94 22.12 11.55
C VAL A 146 -9.92 21.03 11.80
N THR A 147 -9.84 20.57 13.04
CA THR A 147 -8.87 19.55 13.41
C THR A 147 -9.53 18.33 14.03
N SER A 148 -9.17 17.16 13.53
CA SER A 148 -9.56 15.87 14.10
C SER A 148 -8.39 15.23 14.84
N THR A 149 -8.72 14.40 15.82
CA THR A 149 -7.72 13.73 16.66
C THR A 149 -8.08 12.27 16.78
N ARG A 150 -7.14 11.40 16.45
CA ARG A 150 -7.35 9.98 16.55
C ARG A 150 -6.20 9.31 17.32
N VAL A 151 -6.56 8.57 18.35
CA VAL A 151 -5.60 8.03 19.27
C VAL A 151 -5.48 6.53 19.02
N TYR A 152 -4.24 6.06 18.95
CA TYR A 152 -3.93 4.66 18.72
C TYR A 152 -3.06 4.13 19.84
N GLU A 153 -3.21 2.85 20.14
CA GLU A 153 -2.24 2.16 21.00
C GLU A 153 -1.77 0.88 20.36
N ARG A 154 -0.70 0.31 20.90
CA ARG A 154 -0.11 -0.89 20.30
C ARG A 154 -1.05 -2.05 20.46
N ALA A 155 -1.09 -2.92 19.45
CA ALA A 155 -1.93 -4.11 19.50
C ALA A 155 -1.27 -5.16 20.41
N MET B 24 -6.68 0.86 -23.00
CA MET B 24 -5.88 -0.40 -22.94
C MET B 24 -5.61 -0.84 -21.50
N CYS B 25 -5.41 0.12 -20.59
CA CYS B 25 -5.21 -0.22 -19.17
C CYS B 25 -6.49 -0.78 -18.56
N ASP B 26 -7.62 -0.38 -19.12
CA ASP B 26 -8.93 -0.81 -18.63
C ASP B 26 -9.20 -2.31 -18.80
N ALA B 27 -8.42 -2.97 -19.65
CA ALA B 27 -8.46 -4.44 -19.74
C ALA B 27 -8.12 -5.08 -18.39
N PHE B 28 -7.41 -4.34 -17.55
CA PHE B 28 -6.91 -4.86 -16.30
C PHE B 28 -7.67 -4.35 -15.10
N VAL B 29 -8.37 -3.24 -15.26
CA VAL B 29 -9.01 -2.58 -14.13
C VAL B 29 -10.15 -3.43 -13.63
N GLY B 30 -10.19 -3.63 -12.32
CA GLY B 30 -11.26 -4.41 -11.71
C GLY B 30 -10.78 -5.27 -10.55
N THR B 31 -11.71 -6.01 -10.00
CA THR B 31 -11.43 -6.97 -8.96
C THR B 31 -11.39 -8.36 -9.57
N TRP B 32 -10.32 -9.08 -9.26
CA TRP B 32 -10.03 -10.39 -9.80
C TRP B 32 -9.81 -11.38 -8.65
N LYS B 33 -10.45 -12.55 -8.70
CA LYS B 33 -10.19 -13.61 -7.70
C LYS B 33 -9.40 -14.77 -8.29
N LEU B 34 -8.45 -15.29 -7.52
CA LEU B 34 -7.58 -16.37 -7.96
C LEU B 34 -8.41 -17.63 -8.22
N VAL B 35 -7.98 -18.40 -9.22
CA VAL B 35 -8.77 -19.49 -9.78
C VAL B 35 -7.95 -20.76 -10.04
N SER B 36 -6.65 -20.61 -10.30
CA SER B 36 -5.74 -21.75 -10.37
C SER B 36 -4.32 -21.29 -10.14
N SER B 37 -3.44 -22.22 -9.77
CA SER B 37 -2.08 -21.90 -9.41
C SER B 37 -1.16 -23.08 -9.70
N GLU B 38 -0.11 -22.84 -10.46
CA GLU B 38 0.79 -23.88 -10.97
C GLU B 38 2.27 -23.51 -10.78
N ASN B 39 3.06 -24.41 -10.21
CA ASN B 39 4.50 -24.23 -10.02
C ASN B 39 4.89 -23.03 -9.16
N PHE B 40 3.96 -22.54 -8.35
CA PHE B 40 4.17 -21.35 -7.53
C PHE B 40 5.16 -21.58 -6.37
N ASP B 41 5.14 -22.80 -5.85
CA ASP B 41 6.08 -23.19 -4.81
C ASP B 41 7.50 -23.13 -5.36
N ASP B 42 7.75 -23.83 -6.46
CA ASP B 42 9.08 -23.90 -7.08
C ASP B 42 9.61 -22.51 -7.37
N TYR B 43 8.70 -21.61 -7.72
CA TYR B 43 9.03 -20.24 -8.09
C TYR B 43 9.47 -19.43 -6.88
N MET B 44 8.70 -19.50 -5.81
CA MET B 44 9.10 -18.85 -4.57
C MET B 44 10.44 -19.39 -4.07
N LYS B 45 10.71 -20.66 -4.31
CA LYS B 45 11.95 -21.30 -3.88
C LYS B 45 13.15 -20.64 -4.56
N GLU B 46 13.09 -20.46 -5.88
CA GLU B 46 14.14 -19.73 -6.60
C GLU B 46 14.29 -18.30 -6.08
N VAL B 47 13.17 -17.67 -5.76
CA VAL B 47 13.18 -16.29 -5.28
C VAL B 47 13.87 -16.18 -3.90
N GLY B 48 13.86 -17.27 -3.13
CA GLY B 48 14.56 -17.32 -1.85
C GLY B 48 13.66 -17.11 -0.65
N VAL B 49 12.35 -17.21 -0.88
CA VAL B 49 11.35 -17.12 0.18
C VAL B 49 11.51 -18.35 1.08
N GLY B 50 11.36 -18.16 2.39
CA GLY B 50 11.57 -19.22 3.37
C GLY B 50 10.43 -20.21 3.44
N PHE B 51 10.69 -21.35 4.08
CA PHE B 51 9.76 -22.48 4.14
C PHE B 51 8.37 -22.12 4.69
N ALA B 52 8.34 -21.53 5.89
CA ALA B 52 7.09 -21.18 6.57
C ALA B 52 6.27 -20.18 5.76
N THR B 53 6.94 -19.20 5.19
CA THR B 53 6.28 -18.21 4.34
C THR B 53 5.73 -18.86 3.07
N ARG B 54 6.50 -19.77 2.47
CA ARG B 54 6.10 -20.45 1.24
C ARG B 54 4.80 -21.24 1.40
N LYS B 55 4.60 -21.86 2.55
CA LYS B 55 3.38 -22.65 2.77
C LYS B 55 2.16 -21.79 3.11
N VAL B 56 2.36 -20.68 3.82
CA VAL B 56 1.25 -19.80 4.17
C VAL B 56 0.77 -19.04 2.93
N ALA B 57 1.71 -18.48 2.17
CA ALA B 57 1.44 -17.82 0.90
C ALA B 57 0.77 -18.75 -0.12
N GLY B 58 1.15 -20.03 -0.09
CA GLY B 58 0.61 -21.01 -1.04
C GLY B 58 -0.86 -21.38 -0.83
N MET B 59 -1.37 -21.16 0.38
CA MET B 59 -2.74 -21.54 0.72
C MET B 59 -3.77 -20.42 0.53
N ALA B 60 -3.28 -19.21 0.26
CA ALA B 60 -4.05 -17.99 0.54
C ALA B 60 -5.26 -17.70 -0.38
N LYS B 61 -5.10 -17.85 -1.69
CA LYS B 61 -6.15 -17.51 -2.67
C LYS B 61 -6.58 -16.01 -2.64
N PRO B 62 -5.66 -15.12 -3.00
CA PRO B 62 -5.90 -13.66 -2.92
C PRO B 62 -6.74 -13.04 -4.04
N ASN B 63 -7.37 -11.92 -3.71
CA ASN B 63 -7.93 -11.01 -4.71
C ASN B 63 -6.81 -10.09 -5.19
N MET B 64 -6.91 -9.69 -6.46
CA MET B 64 -6.09 -8.65 -7.04
C MET B 64 -7.00 -7.57 -7.58
N ILE B 65 -6.77 -6.33 -7.18
CA ILE B 65 -7.60 -5.22 -7.55
C ILE B 65 -6.74 -4.20 -8.30
N ILE B 66 -7.21 -3.79 -9.47
CA ILE B 66 -6.46 -2.87 -10.30
C ILE B 66 -7.29 -1.62 -10.54
N SER B 67 -6.66 -0.48 -10.31
CA SER B 67 -7.30 0.81 -10.52
C SER B 67 -6.34 1.76 -11.17
N VAL B 68 -6.93 2.79 -11.74
CA VAL B 68 -6.22 3.80 -12.48
C VAL B 68 -6.87 5.12 -12.05
N ASN B 69 -6.04 6.07 -11.66
CA ASN B 69 -6.46 7.42 -11.34
C ASN B 69 -5.48 8.27 -12.13
N GLY B 70 -5.92 8.81 -13.27
CA GLY B 70 -5.05 9.53 -14.17
C GLY B 70 -3.97 8.62 -14.75
N ASP B 71 -2.70 9.04 -14.59
CA ASP B 71 -1.55 8.25 -15.03
C ASP B 71 -0.99 7.35 -13.92
N LEU B 72 -1.65 7.36 -12.76
CA LEU B 72 -1.31 6.51 -11.63
C LEU B 72 -2.08 5.19 -11.68
N VAL B 73 -1.35 4.08 -11.64
CA VAL B 73 -1.92 2.75 -11.62
C VAL B 73 -1.73 2.19 -10.21
N THR B 74 -2.68 1.42 -9.73
CA THR B 74 -2.57 0.80 -8.43
C THR B 74 -2.93 -0.67 -8.58
N ILE B 75 -2.04 -1.55 -8.13
CA ILE B 75 -2.38 -2.96 -7.94
C ILE B 75 -2.41 -3.27 -6.44
N ARG B 76 -3.58 -3.65 -5.92
CA ARG B 76 -3.68 -4.22 -4.57
C ARG B 76 -3.80 -5.74 -4.67
N SER B 77 -3.25 -6.45 -3.70
CA SER B 77 -3.43 -7.88 -3.54
C SER B 77 -3.83 -8.13 -2.08
N GLU B 78 -4.89 -8.91 -1.85
CA GLU B 78 -5.45 -9.03 -0.49
C GLU B 78 -5.75 -10.46 -0.13
N SER B 79 -5.26 -10.87 1.04
CA SER B 79 -5.56 -12.19 1.58
C SER B 79 -5.23 -12.30 3.06
N THR B 80 -5.45 -13.50 3.62
CA THR B 80 -5.07 -13.84 4.98
C THR B 80 -3.56 -13.76 5.19
N PHE B 81 -2.78 -14.10 4.16
CA PHE B 81 -1.33 -13.98 4.21
C PHE B 81 -0.91 -12.52 4.35
N LYS B 82 -1.24 -11.71 3.35
CA LYS B 82 -0.81 -10.32 3.34
C LYS B 82 -1.64 -9.42 2.43
N ASN B 83 -1.79 -8.18 2.88
CA ASN B 83 -2.32 -7.11 2.03
C ASN B 83 -1.17 -6.29 1.51
N THR B 84 -1.10 -6.13 0.19
CA THR B 84 -0.11 -5.25 -0.47
C THR B 84 -0.75 -4.29 -1.45
N GLU B 85 0.02 -3.26 -1.78
CA GLU B 85 -0.38 -2.26 -2.78
C GLU B 85 0.86 -1.59 -3.37
N ILE B 86 0.96 -1.61 -4.70
CA ILE B 86 1.90 -0.76 -5.43
C ILE B 86 1.12 0.30 -6.19
N SER B 87 1.60 1.53 -6.10
CA SER B 87 1.12 2.65 -6.91
C SER B 87 2.26 3.09 -7.81
N PHE B 88 2.02 3.31 -9.10
CA PHE B 88 3.12 3.56 -10.03
C PHE B 88 2.69 4.19 -11.35
N LYS B 89 3.62 4.88 -12.01
CA LYS B 89 3.45 5.30 -13.39
C LYS B 89 4.15 4.29 -14.31
N LEU B 90 3.53 3.96 -15.42
CA LEU B 90 4.18 3.15 -16.44
C LEU B 90 5.54 3.71 -16.84
N GLY B 91 6.53 2.85 -16.88
CA GLY B 91 7.83 3.22 -17.41
C GLY B 91 8.68 4.02 -16.46
N VAL B 92 8.28 4.14 -15.20
CA VAL B 92 9.03 4.89 -14.20
C VAL B 92 9.39 3.98 -13.04
N GLU B 93 10.67 3.73 -12.86
CA GLU B 93 11.20 2.93 -11.76
C GLU B 93 10.74 3.44 -10.39
N PHE B 94 10.36 2.52 -9.52
CA PHE B 94 9.89 2.89 -8.20
C PHE B 94 10.36 1.86 -7.19
N ASP B 95 10.42 2.26 -5.92
CA ASP B 95 10.78 1.34 -4.84
C ASP B 95 9.59 0.53 -4.39
N GLU B 96 9.79 -0.75 -4.12
CA GLU B 96 8.71 -1.63 -3.70
C GLU B 96 9.20 -2.57 -2.62
N ILE B 97 8.39 -2.79 -1.60
CA ILE B 97 8.62 -3.90 -0.63
C ILE B 97 7.62 -5.01 -0.96
N THR B 98 8.13 -6.14 -1.39
CA THR B 98 7.28 -7.28 -1.72
C THR B 98 6.70 -7.93 -0.45
N ALA B 99 5.70 -8.77 -0.65
CA ALA B 99 4.98 -9.41 0.44
C ALA B 99 5.86 -10.37 1.23
N ASP B 100 6.89 -10.90 0.57
CA ASP B 100 7.92 -11.71 1.25
C ASP B 100 9.12 -10.90 1.74
N ASP B 101 9.02 -9.58 1.64
CA ASP B 101 9.95 -8.61 2.28
C ASP B 101 11.30 -8.31 1.59
N ARG B 102 11.40 -8.63 0.31
CA ARG B 102 12.48 -8.09 -0.52
C ARG B 102 12.23 -6.59 -0.77
N LYS B 103 13.30 -5.81 -0.71
CA LYS B 103 13.26 -4.41 -1.09
C LYS B 103 13.83 -4.35 -2.52
N VAL B 104 12.96 -4.08 -3.49
CA VAL B 104 13.33 -4.15 -4.91
C VAL B 104 13.11 -2.82 -5.65
N LYS B 105 13.64 -2.74 -6.88
CA LYS B 105 13.29 -1.70 -7.83
C LYS B 105 12.42 -2.37 -8.89
N SER B 106 11.24 -1.79 -9.13
CA SER B 106 10.34 -2.27 -10.15
C SER B 106 10.12 -1.23 -11.26
N ILE B 107 10.00 -1.75 -12.48
CA ILE B 107 9.53 -0.99 -13.63
C ILE B 107 8.43 -1.82 -14.27
N ILE B 108 7.28 -1.18 -14.50
CA ILE B 108 6.10 -1.79 -15.13
C ILE B 108 5.82 -1.08 -16.47
N THR B 109 5.61 -1.87 -17.50
CA THR B 109 5.39 -1.32 -18.82
C THR B 109 4.19 -2.02 -19.44
N LEU B 110 3.67 -1.40 -20.47
CA LEU B 110 2.62 -1.95 -21.28
C LEU B 110 3.26 -2.38 -22.58
N ASP B 111 3.15 -3.67 -22.87
CA ASP B 111 4.11 -4.38 -23.71
C ASP B 111 3.45 -5.62 -24.30
N GLY B 112 3.09 -5.54 -25.57
CA GLY B 112 2.27 -6.57 -26.21
C GLY B 112 0.85 -6.60 -25.63
N GLY B 113 0.39 -5.48 -25.08
CA GLY B 113 -0.92 -5.40 -24.45
C GLY B 113 -0.93 -5.97 -23.05
N ALA B 114 0.25 -6.31 -22.51
CA ALA B 114 0.39 -6.89 -21.17
C ALA B 114 1.15 -5.96 -20.24
N LEU B 115 0.77 -5.95 -18.96
CA LEU B 115 1.59 -5.29 -17.93
C LEU B 115 2.73 -6.21 -17.55
N VAL B 116 3.95 -5.75 -17.80
CA VAL B 116 5.18 -6.50 -17.58
C VAL B 116 5.97 -5.77 -16.48
N GLN B 117 6.21 -6.43 -15.37
CA GLN B 117 6.92 -5.86 -14.23
C GLN B 117 8.24 -6.59 -14.08
N VAL B 118 9.36 -5.86 -14.06
CA VAL B 118 10.67 -6.44 -13.76
C VAL B 118 11.02 -5.96 -12.34
N GLN B 119 11.35 -6.90 -11.45
CA GLN B 119 11.80 -6.59 -10.10
C GLN B 119 13.29 -6.89 -9.99
N LYS B 120 14.06 -5.99 -9.38
CA LYS B 120 15.52 -6.12 -9.30
C LYS B 120 16.03 -5.87 -7.88
N TRP B 121 16.93 -6.72 -7.41
CA TRP B 121 17.52 -6.59 -6.06
C TRP B 121 18.76 -7.46 -5.98
N ASP B 122 19.81 -6.99 -5.30
CA ASP B 122 21.01 -7.80 -5.03
C ASP B 122 21.44 -8.65 -6.25
N GLY B 123 21.68 -8.02 -7.39
CA GLY B 123 22.09 -8.74 -8.60
C GLY B 123 21.08 -9.68 -9.28
N LYS B 124 19.95 -9.97 -8.63
CA LYS B 124 18.93 -10.86 -9.16
C LYS B 124 17.77 -10.10 -9.82
N SER B 125 17.00 -10.81 -10.64
CA SER B 125 15.79 -10.26 -11.24
C SER B 125 14.73 -11.31 -11.47
N THR B 126 13.49 -10.85 -11.44
CA THR B 126 12.33 -11.67 -11.76
C THR B 126 11.36 -10.88 -12.59
N THR B 127 10.69 -11.55 -13.52
CA THR B 127 9.67 -10.92 -14.36
C THR B 127 8.26 -11.44 -14.09
N ILE B 128 7.33 -10.53 -13.81
CA ILE B 128 5.91 -10.84 -13.61
C ILE B 128 5.11 -10.23 -14.78
N LYS B 129 4.45 -11.09 -15.55
CA LYS B 129 3.68 -10.71 -16.71
C LYS B 129 2.19 -10.86 -16.37
N ARG B 130 1.41 -9.80 -16.51
CA ARG B 130 -0.03 -9.88 -16.34
C ARG B 130 -0.64 -9.66 -17.70
N LYS B 131 -1.35 -10.67 -18.20
CA LYS B 131 -1.94 -10.60 -19.53
C LYS B 131 -3.35 -11.14 -19.53
N ARG B 132 -4.19 -10.57 -20.37
CA ARG B 132 -5.58 -11.00 -20.52
C ARG B 132 -5.63 -12.15 -21.52
N ASP B 133 -6.44 -13.16 -21.22
CA ASP B 133 -6.65 -14.28 -22.13
C ASP B 133 -8.06 -14.78 -21.97
N GLY B 134 -8.92 -14.48 -22.96
CA GLY B 134 -10.35 -14.65 -22.83
C GLY B 134 -10.85 -13.79 -21.69
N ASP B 135 -11.68 -14.37 -20.83
CA ASP B 135 -12.20 -13.66 -19.65
C ASP B 135 -11.30 -13.74 -18.41
N LYS B 136 -10.08 -14.29 -18.58
CA LYS B 136 -9.14 -14.46 -17.48
C LYS B 136 -8.04 -13.41 -17.46
N LEU B 137 -7.40 -13.26 -16.31
CA LEU B 137 -6.13 -12.54 -16.19
C LEU B 137 -5.06 -13.57 -15.80
N VAL B 138 -4.08 -13.78 -16.67
CA VAL B 138 -3.05 -14.78 -16.45
C VAL B 138 -1.79 -14.07 -15.99
N VAL B 139 -1.19 -14.59 -14.93
CA VAL B 139 0.01 -13.98 -14.34
C VAL B 139 1.14 -15.00 -14.46
N GLU B 140 2.18 -14.66 -15.20
CA GLU B 140 3.33 -15.52 -15.38
C GLU B 140 4.57 -14.89 -14.72
N CYS B 141 4.99 -15.46 -13.60
CA CYS B 141 6.20 -15.05 -12.92
C CYS B 141 7.35 -15.96 -13.30
N VAL B 142 8.49 -15.39 -13.66
CA VAL B 142 9.66 -16.17 -14.07
C VAL B 142 10.92 -15.72 -13.33
N MET B 143 11.73 -16.70 -12.94
CA MET B 143 13.08 -16.44 -12.45
C MET B 143 13.99 -17.62 -12.70
N LYS B 144 15.03 -17.36 -13.51
CA LYS B 144 16.07 -18.34 -13.80
C LYS B 144 15.45 -19.67 -14.25
N GLY B 145 14.57 -19.61 -15.24
CA GLY B 145 14.00 -20.81 -15.82
C GLY B 145 12.69 -21.27 -15.21
N VAL B 146 12.52 -21.05 -13.91
CA VAL B 146 11.35 -21.56 -13.18
C VAL B 146 10.15 -20.62 -13.35
N THR B 147 9.10 -21.13 -14.00
CA THR B 147 7.93 -20.33 -14.30
C THR B 147 6.72 -20.80 -13.50
N SER B 148 6.16 -19.88 -12.70
CA SER B 148 4.85 -20.07 -12.08
C SER B 148 3.72 -19.37 -12.84
N THR B 149 2.58 -20.03 -12.93
CA THR B 149 1.40 -19.48 -13.59
C THR B 149 0.20 -19.46 -12.64
N ARG B 150 -0.48 -18.32 -12.61
CA ARG B 150 -1.64 -18.07 -11.76
C ARG B 150 -2.74 -17.34 -12.53
N VAL B 151 -3.95 -17.87 -12.50
CA VAL B 151 -5.07 -17.41 -13.34
C VAL B 151 -6.14 -16.83 -12.42
N TYR B 152 -6.63 -15.66 -12.78
CA TYR B 152 -7.66 -14.95 -12.05
C TYR B 152 -8.86 -14.76 -12.96
N GLU B 153 -10.06 -14.80 -12.40
CA GLU B 153 -11.28 -14.36 -13.10
C GLU B 153 -11.87 -13.15 -12.41
N ARG B 154 -12.80 -12.46 -13.08
CA ARG B 154 -13.47 -11.31 -12.48
C ARG B 154 -14.38 -11.71 -11.32
N ALA B 155 -14.56 -10.80 -10.37
CA ALA B 155 -15.38 -11.05 -9.19
C ALA B 155 -16.82 -10.64 -9.49
S SO4 C . -15.99 11.20 15.26
O1 SO4 C . -14.57 11.50 15.40
O2 SO4 C . -16.68 12.28 14.55
O3 SO4 C . -16.13 9.92 14.56
O4 SO4 C . -16.54 11.10 16.61
S SO4 D . 7.23 2.40 23.45
O1 SO4 D . 8.03 2.36 24.64
O2 SO4 D . 7.78 3.39 22.57
O3 SO4 D . 7.25 1.08 22.82
O4 SO4 D . 5.88 2.70 23.86
CAM TDZ E . -5.67 10.53 7.40
CAL TDZ E . -6.61 11.29 6.47
CBB TDZ E . -7.89 10.51 6.10
CAZ TDZ E . -8.86 11.08 5.26
CAC TDZ E . -8.64 12.48 4.72
CBA TDZ E . -10.02 10.39 4.91
OAG TDZ E . -10.95 10.95 4.10
CAX TDZ E . -10.24 9.12 5.38
CAA TDZ E . -11.53 8.37 4.99
CAY TDZ E . -9.30 8.54 6.21
CAB TDZ E . -9.58 7.15 6.71
CBC TDZ E . -8.12 9.22 6.57
OAR TDZ E . -7.20 8.64 7.40
CBE TDZ E . -6.43 9.56 8.30
CAD TDZ E . -7.30 10.37 9.28
CAN TDZ E . -5.43 8.73 9.15
OAQ TDZ E . -5.97 7.86 10.22
CAW TDZ E . -6.84 6.93 9.72
CAK TDZ E . -6.44 5.95 8.80
CAI TDZ E . -7.37 5.04 8.31
CAJ TDZ E . -8.17 6.97 10.10
CAH TDZ E . -9.09 6.07 9.61
CAV TDZ E . -8.71 5.08 8.70
CAO TDZ E . -9.80 4.09 8.21
CBD TDZ E . -9.65 3.48 6.80
SAS TDZ E . -8.85 4.59 5.63
CAT TDZ E . -7.52 3.56 5.32
OAE TDZ E . -6.60 3.86 4.55
NAP TDZ E . -7.59 2.40 6.01
CAU TDZ E . -8.67 2.28 6.79
OAF TDZ E . -8.85 1.27 7.46
S SO4 F . 1.30 -24.36 -6.30
O1 SO4 F . 2.76 -24.56 -6.17
O2 SO4 F . 0.96 -23.41 -7.37
O3 SO4 F . 0.72 -25.67 -6.65
O4 SO4 F . 0.71 -23.90 -5.05
CAM TDZ G . 4.11 -11.11 -7.75
CAL TDZ G . 5.48 -11.70 -7.35
CBB TDZ G . 5.38 -12.49 -6.04
CAZ TDZ G . 6.51 -13.08 -5.47
CAC TDZ G . 7.85 -12.93 -6.18
CBA TDZ G . 6.44 -13.81 -4.27
OAG TDZ G . 7.56 -14.38 -3.74
CAX TDZ G . 5.23 -13.96 -3.62
CAA TDZ G . 5.16 -14.75 -2.32
CAY TDZ G . 4.10 -13.38 -4.18
CAB TDZ G . 2.79 -13.55 -3.44
CBC TDZ G . 4.15 -12.65 -5.37
OAR TDZ G . 3.00 -12.09 -5.90
CBE TDZ G . 2.98 -12.06 -7.37
CAD TDZ G . 3.21 -13.44 -8.00
CAN TDZ G . 1.62 -11.49 -7.92
OAQ TDZ G . 0.42 -12.36 -7.94
CAW TDZ G . 0.15 -12.68 -6.65
CAK TDZ G . -0.27 -11.70 -5.75
CAI TDZ G . -0.51 -12.05 -4.42
CAJ TDZ G . 0.30 -13.99 -6.21
CAH TDZ G . 0.06 -14.34 -4.88
CAV TDZ G . -0.35 -13.37 -3.97
CAO TDZ G . -0.63 -13.78 -2.50
CBD TDZ G . -0.08 -12.83 -1.42
SAS TDZ G . 1.41 -11.97 -1.97
CAT TDZ G . 0.70 -10.39 -1.94
OAE TDZ G . 1.29 -9.36 -2.26
NAP TDZ G . -0.59 -10.41 -1.52
CAU TDZ G . -1.05 -11.64 -1.21
OAF TDZ G . -2.21 -11.81 -0.82
#